data_2I4E
#
_entry.id   2I4E
#
_cell.length_a   62.058
_cell.length_b   71.721
_cell.length_c   69.859
_cell.angle_alpha   90.00
_cell.angle_beta   93.31
_cell.angle_gamma   90.00
#
_symmetry.space_group_name_H-M   'P 1 21 1'
#
loop_
_entity.id
_entity.type
_entity.pdbx_description
1 polymer 'Receptor-type tyrosine-protein phosphatase beta'
2 non-polymer 'VANADATE ION'
3 water water
#
_entity_poly.entity_id   1
_entity_poly.type   'polypeptide(L)'
_entity_poly.pdbx_seq_one_letter_code
;SDRPLSVHLNLGQKGNRKTSCPIKINQFEGHFMKLQADSNYLLSKEYEELKDVGRNQSCDIALLPENRGKNRYNNILPYD
ATRVKLSNVDDDPCSDYINASYIPGNNFRREYIVTQGPLPGTKDDFWKMVWEQNVHNIVMVTQCVEKGRVKCDHYWPADQ
DSLYYGDLILQMLSESVLPEWTIREFKICGEEQLDAHRLIRHFHYTVWPDHGVPETTQSLIQFVRTVRDYINRSPGAGPT
VVHCSAGVGRTGTFIALDRILQQLDSKDSVDIYGAVHDLRLHRVHMVQTECQYVYLHQCVRDVLRARKLRSEQ
;
_entity_poly.pdbx_strand_id   A,B
#
loop_
_chem_comp.id
_chem_comp.type
_chem_comp.name
_chem_comp.formula
VO4 non-polymer 'VANADATE ION' 'O4 V -3'
#
# COMPACT_ATOMS: atom_id res chain seq x y z
N LYS A 18 23.70 2.82 -23.63
CA LYS A 18 24.70 1.78 -24.01
C LYS A 18 24.92 0.71 -22.94
N THR A 19 23.98 -0.22 -22.85
CA THR A 19 24.18 -1.58 -22.31
C THR A 19 24.19 -1.80 -20.79
N SER A 20 24.47 -0.76 -20.02
CA SER A 20 24.78 -0.98 -18.61
C SER A 20 24.64 0.37 -17.91
N CYS A 21 24.00 0.37 -16.74
CA CYS A 21 23.85 1.58 -15.92
CA CYS A 21 23.87 1.58 -15.93
C CYS A 21 24.02 1.22 -14.46
N PRO A 22 25.27 1.01 -14.03
CA PRO A 22 25.62 0.53 -12.71
C PRO A 22 25.56 1.66 -11.69
N ILE A 23 24.85 1.40 -10.59
CA ILE A 23 24.52 2.40 -9.57
C ILE A 23 25.23 1.98 -8.30
N LYS A 24 26.03 2.85 -7.71
CA LYS A 24 26.59 2.54 -6.38
C LYS A 24 25.49 2.30 -5.36
N ILE A 25 25.67 1.29 -4.51
CA ILE A 25 24.61 0.94 -3.55
C ILE A 25 24.19 2.11 -2.65
N ASN A 26 25.18 2.92 -2.26
CA ASN A 26 24.93 4.10 -1.42
C ASN A 26 24.26 5.24 -2.19
N GLN A 27 24.17 5.09 -3.51
CA GLN A 27 23.50 6.09 -4.32
C GLN A 27 22.15 5.63 -4.86
N PHE A 28 21.80 4.36 -4.64
CA PHE A 28 20.62 3.80 -5.27
C PHE A 28 19.30 4.45 -4.84
N GLU A 29 19.14 4.67 -3.53
CA GLU A 29 17.90 5.28 -3.06
C GLU A 29 17.63 6.60 -3.79
N GLY A 30 18.63 7.47 -3.87
CA GLY A 30 18.49 8.73 -4.59
C GLY A 30 18.33 8.62 -6.09
N HIS A 31 19.05 7.68 -6.71
CA HIS A 31 18.90 7.37 -8.13
C HIS A 31 17.44 7.01 -8.41
N PHE A 32 16.87 6.10 -7.63
CA PHE A 32 15.48 5.70 -7.88
C PHE A 32 14.46 6.85 -7.68
N MET A 33 14.65 7.66 -6.65
CA MET A 33 13.86 8.92 -6.56
C MET A 33 13.88 9.81 -7.78
N LYS A 34 15.07 10.01 -8.34
CA LYS A 34 15.26 10.74 -9.59
C LYS A 34 14.50 10.10 -10.72
N LEU A 35 14.58 8.78 -10.82
CA LEU A 35 13.83 8.11 -11.86
C LEU A 35 12.33 8.29 -11.72
N GLN A 36 11.85 8.37 -10.48
CA GLN A 36 10.43 8.43 -10.17
C GLN A 36 9.90 9.87 -10.27
N ALA A 37 10.79 10.86 -10.24
CA ALA A 37 10.33 12.26 -10.27
C ALA A 37 9.48 12.54 -11.51
N ASP A 38 8.57 13.51 -11.37
CA ASP A 38 7.79 13.98 -12.52
C ASP A 38 7.07 12.82 -13.22
N SER A 39 6.32 12.06 -12.42
CA SER A 39 5.55 10.91 -12.89
C SER A 39 6.43 9.96 -13.71
N ASN A 40 7.51 9.50 -13.10
CA ASN A 40 8.36 8.44 -13.66
C ASN A 40 9.00 8.84 -14.98
N TYR A 41 9.15 10.15 -15.18
CA TYR A 41 9.65 10.65 -16.46
C TYR A 41 10.91 9.91 -16.91
N LEU A 42 11.91 9.89 -16.04
CA LEU A 42 13.20 9.33 -16.45
C LEU A 42 13.20 7.80 -16.40
N LEU A 43 12.47 7.21 -15.46
CA LEU A 43 12.27 5.75 -15.49
C LEU A 43 11.64 5.32 -16.82
N SER A 44 10.64 6.07 -17.26
CA SER A 44 9.99 5.72 -18.53
C SER A 44 10.96 5.80 -19.70
N LYS A 45 11.81 6.83 -19.70
CA LYS A 45 12.82 7.05 -20.75
C LYS A 45 13.81 5.87 -20.84
N GLU A 46 14.32 5.46 -19.68
CA GLU A 46 15.18 4.29 -19.59
C GLU A 46 14.53 3.00 -20.09
N TYR A 47 13.31 2.72 -19.64
CA TYR A 47 12.61 1.49 -20.01
C TYR A 47 12.34 1.50 -21.53
N GLU A 48 11.98 2.67 -22.07
CA GLU A 48 11.80 2.77 -23.51
C GLU A 48 13.06 2.45 -24.33
N GLU A 49 14.22 2.83 -23.80
CA GLU A 49 15.47 2.53 -24.48
C GLU A 49 15.73 1.04 -24.60
N LEU A 50 15.34 0.31 -23.56
CA LEU A 50 15.54 -1.13 -23.58
C LEU A 50 14.67 -1.78 -24.67
N LYS A 51 13.58 -1.11 -25.07
CA LYS A 51 12.67 -1.59 -26.13
C LYS A 51 13.37 -2.00 -27.42
N ASP A 52 14.48 -1.35 -27.76
CA ASP A 52 15.17 -1.62 -29.03
C ASP A 52 16.21 -2.74 -28.97
N VAL A 53 16.56 -3.18 -27.76
CA VAL A 53 17.67 -4.11 -27.65
C VAL A 53 17.34 -5.44 -28.30
N GLY A 54 18.26 -5.98 -29.10
CA GLY A 54 18.11 -7.34 -29.65
C GLY A 54 17.22 -7.38 -30.88
N ARG A 55 16.78 -6.21 -31.33
CA ARG A 55 15.69 -6.19 -32.31
C ARG A 55 16.11 -6.52 -33.73
N ASN A 56 17.42 -6.62 -33.97
CA ASN A 56 17.96 -7.04 -35.26
C ASN A 56 17.82 -8.54 -35.51
N GLN A 57 17.32 -9.31 -34.55
CA GLN A 57 17.42 -10.78 -34.69
C GLN A 57 16.15 -11.45 -35.20
N SER A 58 16.36 -12.47 -36.01
CA SER A 58 15.27 -13.20 -36.69
CA SER A 58 15.22 -13.15 -36.65
C SER A 58 14.67 -14.31 -35.83
N CYS A 59 13.42 -14.66 -36.12
CA CYS A 59 12.80 -15.86 -35.56
CA CYS A 59 12.77 -15.84 -35.55
C CYS A 59 12.21 -16.75 -36.64
N ASP A 60 13.00 -16.98 -37.70
CA ASP A 60 12.51 -17.77 -38.85
C ASP A 60 12.05 -19.19 -38.50
N ILE A 61 12.80 -19.87 -37.64
CA ILE A 61 12.50 -21.27 -37.36
C ILE A 61 11.13 -21.34 -36.71
N ALA A 62 10.90 -20.45 -35.73
CA ALA A 62 9.64 -20.45 -34.99
C ALA A 62 8.46 -20.20 -35.92
N LEU A 63 8.74 -19.53 -37.05
CA LEU A 63 7.71 -19.20 -38.04
C LEU A 63 7.41 -20.27 -39.10
N LEU A 64 8.20 -21.36 -39.09
CA LEU A 64 7.99 -22.41 -40.09
C LEU A 64 6.59 -23.01 -39.94
N PRO A 65 5.91 -23.36 -41.06
CA PRO A 65 4.55 -23.84 -40.91
C PRO A 65 4.42 -25.05 -39.99
N GLU A 66 5.38 -25.98 -40.01
N GLU A 66 5.45 -25.90 -40.05
CA GLU A 66 5.33 -27.16 -39.16
CA GLU A 66 5.59 -27.12 -39.28
C GLU A 66 5.28 -26.75 -37.69
C GLU A 66 5.73 -26.84 -37.78
N ASN A 67 5.81 -25.56 -37.42
CA ASN A 67 5.95 -25.16 -36.02
C ASN A 67 4.78 -24.34 -35.47
N ARG A 68 3.79 -23.97 -36.31
CA ARG A 68 2.79 -22.97 -35.89
C ARG A 68 2.03 -23.33 -34.60
N GLY A 69 1.62 -24.59 -34.56
CA GLY A 69 0.89 -25.22 -33.48
C GLY A 69 1.71 -25.34 -32.20
N LYS A 70 3.02 -25.10 -32.30
CA LYS A 70 3.90 -25.26 -31.14
C LYS A 70 4.12 -23.97 -30.36
N ASN A 71 3.58 -22.85 -30.87
CA ASN A 71 3.66 -21.58 -30.16
C ASN A 71 2.33 -21.15 -29.55
N ARG A 72 2.36 -20.82 -28.26
CA ARG A 72 1.13 -20.46 -27.55
C ARG A 72 0.66 -19.08 -28.06
N TYR A 73 1.61 -18.19 -28.33
CA TYR A 73 1.32 -16.86 -28.87
C TYR A 73 2.06 -16.69 -30.17
N ASN A 74 1.31 -16.41 -31.23
CA ASN A 74 1.95 -16.38 -32.55
C ASN A 74 2.99 -15.28 -32.70
N ASN A 75 2.98 -14.30 -31.80
CA ASN A 75 3.86 -13.16 -31.87
C ASN A 75 4.89 -13.12 -30.72
N ILE A 76 5.03 -14.22 -29.98
CA ILE A 76 6.07 -14.24 -28.94
C ILE A 76 6.90 -15.51 -29.23
N LEU A 77 8.03 -15.33 -29.91
CA LEU A 77 8.75 -16.47 -30.48
C LEU A 77 10.22 -16.28 -30.13
N PRO A 78 10.97 -17.38 -30.01
CA PRO A 78 12.40 -17.29 -29.70
C PRO A 78 13.19 -16.80 -30.90
N TYR A 79 14.25 -16.04 -30.62
CA TYR A 79 15.25 -15.73 -31.67
C TYR A 79 15.96 -16.99 -32.10
N ASP A 80 16.21 -17.09 -33.40
CA ASP A 80 16.94 -18.26 -33.97
C ASP A 80 18.30 -18.43 -33.27
N ALA A 81 18.96 -17.32 -33.00
CA ALA A 81 20.34 -17.29 -32.43
C ALA A 81 20.42 -17.94 -31.03
N THR A 82 19.34 -17.93 -30.29
CA THR A 82 19.43 -18.30 -28.86
C THR A 82 18.42 -19.36 -28.45
N ARG A 83 17.70 -19.92 -29.42
CA ARG A 83 16.65 -20.90 -29.11
C ARG A 83 17.27 -22.20 -28.61
N VAL A 84 16.51 -22.90 -27.77
CA VAL A 84 16.89 -24.24 -27.32
C VAL A 84 16.44 -25.29 -28.35
N LYS A 85 17.37 -26.15 -28.75
CA LYS A 85 17.03 -27.20 -29.75
C LYS A 85 16.84 -28.56 -29.09
N LEU A 86 15.77 -29.25 -29.47
CA LEU A 86 15.54 -30.65 -29.05
C LEU A 86 16.41 -31.55 -29.92
N SER A 87 16.78 -32.73 -29.41
CA SER A 87 17.46 -33.67 -30.29
C SER A 87 16.52 -34.13 -31.42
N ASN A 88 17.10 -34.38 -32.58
CA ASN A 88 16.36 -34.32 -33.84
C ASN A 88 16.25 -35.69 -34.49
N CYS A 94 9.84 -28.88 -37.96
CA CYS A 94 11.13 -29.39 -37.55
C CYS A 94 11.00 -29.95 -36.15
N SER A 95 11.41 -31.20 -35.99
CA SER A 95 11.22 -31.88 -34.73
C SER A 95 12.17 -31.33 -33.67
N ASP A 96 13.05 -30.42 -34.07
CA ASP A 96 13.95 -29.86 -33.05
C ASP A 96 13.37 -28.64 -32.34
N TYR A 97 12.18 -28.22 -32.75
CA TYR A 97 11.69 -26.90 -32.27
C TYR A 97 10.92 -27.00 -30.96
N ILE A 98 11.30 -26.11 -30.04
CA ILE A 98 10.47 -25.74 -28.89
C ILE A 98 10.59 -24.22 -28.64
N ASN A 99 9.51 -23.64 -28.13
CA ASN A 99 9.53 -22.20 -27.87
C ASN A 99 10.25 -21.99 -26.54
N ALA A 100 11.59 -21.85 -26.65
CA ALA A 100 12.39 -21.70 -25.41
C ALA A 100 13.73 -21.10 -25.84
N SER A 101 14.37 -20.41 -24.92
CA SER A 101 15.59 -19.63 -25.24
C SER A 101 16.57 -19.80 -24.08
N TYR A 102 17.87 -19.81 -24.39
CA TYR A 102 18.84 -19.80 -23.31
C TYR A 102 19.10 -18.36 -22.87
N ILE A 103 19.29 -18.18 -21.57
CA ILE A 103 19.45 -16.83 -21.01
C ILE A 103 20.66 -16.81 -20.05
N PRO A 104 21.62 -15.88 -20.23
CA PRO A 104 22.74 -15.84 -19.30
C PRO A 104 22.34 -15.36 -17.90
N GLY A 105 23.12 -15.77 -16.89
CA GLY A 105 22.93 -15.14 -15.59
C GLY A 105 24.17 -14.46 -15.06
N ASN A 106 24.25 -14.35 -13.72
CA ASN A 106 25.38 -13.67 -13.09
C ASN A 106 26.66 -14.44 -13.29
N ASN A 107 26.53 -15.75 -13.43
CA ASN A 107 27.78 -16.52 -13.36
CA ASN A 107 27.54 -16.79 -13.20
C ASN A 107 28.07 -17.45 -14.50
N PHE A 108 27.15 -17.64 -15.43
CA PHE A 108 27.46 -18.38 -16.65
C PHE A 108 26.46 -18.10 -17.76
N ARG A 109 26.83 -18.40 -19.00
CA ARG A 109 26.02 -17.94 -20.15
C ARG A 109 24.72 -18.70 -20.43
N ARG A 110 24.60 -19.93 -19.95
CA ARG A 110 23.32 -20.66 -20.15
C ARG A 110 22.76 -20.99 -18.76
N GLU A 111 22.62 -19.96 -17.96
CA GLU A 111 22.24 -20.19 -16.57
C GLU A 111 20.74 -20.54 -16.50
N TYR A 112 19.96 -20.06 -17.47
CA TYR A 112 18.51 -20.34 -17.42
C TYR A 112 18.03 -20.77 -18.80
N ILE A 113 16.92 -21.52 -18.86
CA ILE A 113 16.18 -21.71 -20.11
C ILE A 113 14.83 -21.08 -19.77
N VAL A 114 14.41 -20.14 -20.61
CA VAL A 114 13.04 -19.61 -20.42
C VAL A 114 12.14 -20.16 -21.50
N THR A 115 10.88 -20.39 -21.17
CA THR A 115 10.07 -21.05 -22.18
C THR A 115 8.62 -20.54 -21.97
N GLN A 116 7.78 -20.78 -22.99
CA GLN A 116 6.34 -20.48 -22.78
C GLN A 116 5.73 -21.53 -21.85
N GLY A 117 4.48 -21.29 -21.43
CA GLY A 117 3.78 -22.33 -20.64
C GLY A 117 3.41 -23.45 -21.61
N PRO A 118 3.81 -24.67 -21.30
CA PRO A 118 3.56 -25.79 -22.26
C PRO A 118 2.09 -25.91 -22.67
N LEU A 119 1.86 -26.24 -23.94
CA LEU A 119 0.54 -26.52 -24.48
C LEU A 119 0.32 -28.03 -24.29
N PRO A 120 -0.94 -28.45 -24.31
CA PRO A 120 -1.20 -29.89 -24.31
C PRO A 120 -0.37 -30.65 -25.37
N GLY A 121 -0.18 -30.06 -26.56
CA GLY A 121 0.57 -30.72 -27.62
C GLY A 121 2.07 -30.50 -27.57
N THR A 122 2.56 -29.70 -26.62
CA THR A 122 4.02 -29.56 -26.50
C THR A 122 4.60 -29.97 -25.14
N LYS A 123 3.75 -30.47 -24.24
CA LYS A 123 4.27 -30.82 -22.92
C LYS A 123 5.27 -31.98 -23.02
N ASP A 124 5.07 -32.90 -23.96
CA ASP A 124 6.08 -33.93 -24.16
C ASP A 124 7.40 -33.35 -24.60
N ASP A 125 7.36 -32.32 -25.46
CA ASP A 125 8.60 -31.62 -25.88
C ASP A 125 9.30 -30.91 -24.68
N PHE A 126 8.50 -30.27 -23.83
CA PHE A 126 8.97 -29.59 -22.60
C PHE A 126 9.76 -30.61 -21.75
N TRP A 127 9.16 -31.77 -21.48
CA TRP A 127 9.85 -32.71 -20.60
C TRP A 127 11.08 -33.32 -21.29
N LYS A 128 11.03 -33.52 -22.61
CA LYS A 128 12.21 -33.98 -23.37
C LYS A 128 13.36 -32.97 -23.20
N MET A 129 13.03 -31.69 -23.34
CA MET A 129 14.01 -30.63 -23.06
C MET A 129 14.62 -30.71 -21.65
N VAL A 130 13.75 -30.84 -20.66
CA VAL A 130 14.19 -30.95 -19.25
C VAL A 130 15.18 -32.13 -19.08
N TRP A 131 14.88 -33.24 -19.71
CA TRP A 131 15.74 -34.41 -19.61
C TRP A 131 17.10 -34.16 -20.32
N GLU A 132 17.03 -33.75 -21.58
CA GLU A 132 18.20 -33.55 -22.43
C GLU A 132 19.14 -32.48 -21.89
N GLN A 133 18.59 -31.43 -21.29
CA GLN A 133 19.42 -30.33 -20.78
C GLN A 133 19.84 -30.49 -19.32
N ASN A 134 19.59 -31.66 -18.72
CA ASN A 134 19.96 -31.95 -17.34
C ASN A 134 19.39 -30.96 -16.31
N VAL A 135 18.13 -30.58 -16.55
CA VAL A 135 17.50 -29.57 -15.71
C VAL A 135 17.09 -30.29 -14.41
N HIS A 136 17.39 -29.68 -13.27
CA HIS A 136 16.97 -30.18 -11.95
C HIS A 136 15.94 -29.26 -11.26
N ASN A 137 15.82 -28.00 -11.71
CA ASN A 137 14.94 -27.03 -11.05
C ASN A 137 14.08 -26.29 -12.07
N ILE A 138 12.77 -26.29 -11.86
CA ILE A 138 11.87 -25.58 -12.80
C ILE A 138 11.09 -24.54 -11.96
N VAL A 139 11.05 -23.30 -12.42
CA VAL A 139 10.34 -22.21 -11.75
C VAL A 139 9.15 -21.82 -12.62
N MET A 140 7.97 -21.83 -12.01
CA MET A 140 6.75 -21.51 -12.75
C MET A 140 6.10 -20.30 -12.05
N VAL A 141 5.92 -19.21 -12.79
CA VAL A 141 5.42 -17.96 -12.18
C VAL A 141 4.05 -17.49 -12.65
N THR A 142 3.33 -18.38 -13.33
CA THR A 142 1.93 -18.17 -13.67
C THR A 142 1.03 -19.19 -12.98
N GLN A 143 -0.26 -18.84 -12.78
CA GLN A 143 -1.24 -19.91 -12.64
C GLN A 143 -1.63 -20.52 -13.99
N CYS A 144 -2.14 -21.76 -13.95
CA CYS A 144 -2.66 -22.41 -15.14
C CYS A 144 -3.80 -21.68 -15.84
N VAL A 145 -4.66 -21.05 -15.03
CA VAL A 145 -5.80 -20.32 -15.55
C VAL A 145 -5.86 -19.06 -14.71
N GLU A 146 -5.98 -17.91 -15.35
CA GLU A 146 -6.04 -16.67 -14.62
C GLU A 146 -7.24 -15.89 -15.08
N LYS A 147 -8.12 -15.65 -14.12
CA LYS A 147 -9.41 -15.02 -14.39
C LYS A 147 -10.10 -15.72 -15.56
N GLY A 148 -10.15 -17.05 -15.51
CA GLY A 148 -10.70 -17.83 -16.61
C GLY A 148 -10.04 -17.78 -17.98
N ARG A 149 -8.87 -17.15 -18.10
CA ARG A 149 -8.11 -17.26 -19.35
C ARG A 149 -7.02 -18.31 -19.14
N VAL A 150 -6.93 -19.27 -20.05
CA VAL A 150 -5.95 -20.34 -19.92
C VAL A 150 -4.58 -19.72 -20.19
N LYS A 151 -3.64 -20.02 -19.32
CA LYS A 151 -2.28 -19.49 -19.48
C LYS A 151 -1.25 -20.61 -19.67
N CYS A 152 -1.52 -21.80 -19.13
CA CYS A 152 -0.52 -22.86 -19.14
C CYS A 152 -1.26 -24.18 -18.94
N ASP A 153 -0.86 -25.21 -19.66
CA ASP A 153 -1.42 -26.54 -19.42
C ASP A 153 -0.92 -27.07 -18.05
N HIS A 154 -1.70 -27.93 -17.40
CA HIS A 154 -1.20 -28.54 -16.17
C HIS A 154 -0.34 -29.70 -16.60
N TYR A 155 0.95 -29.46 -16.79
CA TYR A 155 1.77 -30.38 -17.54
C TYR A 155 2.53 -31.39 -16.69
N TRP A 156 2.22 -31.43 -15.40
CA TRP A 156 2.77 -32.44 -14.51
C TRP A 156 1.66 -33.31 -13.92
N PRO A 157 2.01 -34.46 -13.33
CA PRO A 157 0.93 -35.25 -12.72
C PRO A 157 0.19 -34.57 -11.55
N ALA A 158 -1.09 -34.89 -11.41
CA ALA A 158 -2.04 -34.20 -10.52
C ALA A 158 -1.95 -34.68 -9.08
N ASP A 159 -1.55 -35.94 -8.91
CA ASP A 159 -1.41 -36.52 -7.58
C ASP A 159 -0.18 -37.42 -7.69
N GLN A 160 -0.12 -38.46 -6.87
CA GLN A 160 1.08 -39.29 -6.83
C GLN A 160 1.08 -40.38 -7.89
N ASP A 161 0.08 -40.40 -8.77
CA ASP A 161 -0.02 -41.42 -9.81
C ASP A 161 0.91 -41.06 -10.97
N SER A 162 1.64 -42.03 -11.50
CA SER A 162 2.63 -41.74 -12.53
C SER A 162 1.98 -41.50 -13.90
N LEU A 163 2.71 -40.86 -14.81
CA LEU A 163 2.22 -40.64 -16.20
C LEU A 163 3.41 -40.64 -17.16
N TYR A 164 3.15 -41.11 -18.37
CA TYR A 164 4.13 -40.93 -19.47
C TYR A 164 4.03 -39.55 -20.12
N TYR A 165 5.21 -39.02 -20.46
CA TYR A 165 5.34 -37.83 -21.33
C TYR A 165 6.37 -38.19 -22.39
N GLY A 166 5.88 -38.57 -23.56
CA GLY A 166 6.76 -39.06 -24.62
C GLY A 166 7.39 -40.35 -24.16
N ASP A 167 8.72 -40.42 -24.21
CA ASP A 167 9.45 -41.59 -23.78
C ASP A 167 9.84 -41.53 -22.30
N LEU A 168 9.41 -40.49 -21.59
CA LEU A 168 9.78 -40.36 -20.19
C LEU A 168 8.61 -40.76 -19.32
N ILE A 169 8.89 -41.25 -18.13
CA ILE A 169 7.87 -41.42 -17.09
CA ILE A 169 7.83 -41.37 -17.13
C ILE A 169 8.12 -40.48 -15.93
N LEU A 170 7.07 -39.82 -15.44
CA LEU A 170 7.22 -38.86 -14.34
C LEU A 170 6.31 -39.30 -13.18
N GLN A 171 6.80 -39.18 -11.95
CA GLN A 171 5.94 -39.47 -10.80
C GLN A 171 6.19 -38.41 -9.72
N MET A 172 5.13 -37.84 -9.15
CA MET A 172 5.33 -36.84 -8.11
C MET A 172 5.66 -37.59 -6.83
N LEU A 173 6.74 -37.16 -6.19
CA LEU A 173 7.14 -37.74 -4.90
C LEU A 173 6.69 -36.95 -3.67
N SER A 174 6.54 -35.63 -3.84
CA SER A 174 6.09 -34.78 -2.73
C SER A 174 5.54 -33.46 -3.23
N GLU A 175 4.74 -32.84 -2.39
CA GLU A 175 4.16 -31.54 -2.67
C GLU A 175 4.00 -30.81 -1.35
N SER A 176 4.52 -29.58 -1.31
CA SER A 176 4.41 -28.74 -0.14
C SER A 176 3.72 -27.45 -0.55
N VAL A 177 2.51 -27.29 -0.06
CA VAL A 177 1.72 -26.12 -0.38
C VAL A 177 1.94 -25.08 0.72
N LEU A 178 2.38 -23.89 0.29
CA LEU A 178 2.44 -22.70 1.15
C LEU A 178 1.54 -21.58 0.62
N PRO A 179 1.34 -20.52 1.42
CA PRO A 179 0.37 -19.51 0.98
C PRO A 179 0.67 -18.88 -0.38
N GLU A 180 1.94 -18.70 -0.71
CA GLU A 180 2.27 -17.91 -1.91
C GLU A 180 2.98 -18.76 -2.98
N TRP A 181 3.41 -19.95 -2.59
CA TRP A 181 3.99 -20.86 -3.56
C TRP A 181 3.88 -22.30 -3.11
N THR A 182 4.09 -23.20 -4.06
CA THR A 182 4.01 -24.63 -3.83
C THR A 182 5.28 -25.26 -4.40
N ILE A 183 5.88 -26.16 -3.64
CA ILE A 183 7.09 -26.85 -4.08
C ILE A 183 6.80 -28.33 -4.28
N ARG A 184 7.08 -28.85 -5.47
CA ARG A 184 6.84 -30.25 -5.76
C ARG A 184 8.17 -30.92 -6.11
N GLU A 185 8.29 -32.23 -5.87
CA GLU A 185 9.50 -32.95 -6.33
C GLU A 185 8.98 -34.12 -7.19
N PHE A 186 9.60 -34.29 -8.35
CA PHE A 186 9.31 -35.44 -9.22
C PHE A 186 10.50 -36.33 -9.42
N LYS A 187 10.23 -37.60 -9.69
CA LYS A 187 11.23 -38.51 -10.21
C LYS A 187 10.90 -38.67 -11.68
N ILE A 188 11.95 -38.59 -12.50
CA ILE A 188 11.79 -38.80 -13.94
C ILE A 188 12.65 -39.97 -14.38
N CYS A 189 12.08 -40.87 -15.19
CA CYS A 189 12.77 -42.07 -15.73
C CYS A 189 12.81 -41.93 -17.24
N GLY A 190 13.99 -42.07 -17.86
CA GLY A 190 14.10 -42.02 -19.30
C GLY A 190 15.05 -43.08 -19.84
N GLU A 191 15.84 -42.66 -20.82
CA GLU A 191 17.12 -43.29 -21.19
C GLU A 191 16.96 -44.02 -22.52
N ARG A 198 16.56 -39.33 -11.97
CA ARG A 198 16.80 -37.93 -11.64
C ARG A 198 15.63 -37.37 -10.86
N LEU A 199 15.93 -36.50 -9.91
CA LEU A 199 14.86 -35.82 -9.19
C LEU A 199 14.80 -34.38 -9.73
N ILE A 200 13.57 -33.90 -9.92
CA ILE A 200 13.35 -32.53 -10.40
C ILE A 200 12.51 -31.82 -9.33
N ARG A 201 12.89 -30.61 -8.97
CA ARG A 201 12.09 -29.74 -8.09
C ARG A 201 11.36 -28.70 -8.93
N HIS A 202 10.10 -28.46 -8.57
CA HIS A 202 9.26 -27.50 -9.27
C HIS A 202 8.81 -26.46 -8.24
N PHE A 203 9.06 -25.18 -8.55
CA PHE A 203 8.76 -24.06 -7.65
C PHE A 203 7.67 -23.23 -8.30
N HIS A 204 6.47 -23.29 -7.72
CA HIS A 204 5.29 -22.70 -8.37
C HIS A 204 4.83 -21.51 -7.55
N TYR A 205 5.05 -20.31 -8.10
CA TYR A 205 4.66 -19.06 -7.41
C TYR A 205 3.27 -18.68 -7.92
N THR A 206 2.30 -18.60 -7.02
CA THR A 206 0.89 -18.65 -7.44
C THR A 206 0.16 -17.30 -7.29
N VAL A 207 0.88 -16.25 -6.88
CA VAL A 207 0.29 -14.94 -6.60
C VAL A 207 0.84 -13.74 -7.42
N TRP A 208 1.22 -14.02 -8.67
CA TRP A 208 1.77 -12.99 -9.57
C TRP A 208 0.88 -12.86 -10.80
N PRO A 209 0.07 -11.79 -10.88
CA PRO A 209 -0.84 -11.55 -12.03
C PRO A 209 -0.06 -11.29 -13.32
N ASP A 210 -0.53 -11.87 -14.43
CA ASP A 210 0.00 -11.62 -15.76
C ASP A 210 -0.03 -10.12 -16.05
N HIS A 211 1.05 -9.62 -16.63
CA HIS A 211 1.24 -8.19 -16.92
C HIS A 211 1.34 -7.28 -15.70
N GLY A 212 1.38 -7.88 -14.51
CA GLY A 212 1.43 -7.10 -13.28
C GLY A 212 2.57 -7.50 -12.39
N VAL A 213 2.39 -7.23 -11.09
CA VAL A 213 3.43 -7.43 -10.09
C VAL A 213 2.83 -8.04 -8.81
N PRO A 214 3.64 -8.72 -7.99
CA PRO A 214 3.08 -9.23 -6.73
C PRO A 214 2.68 -8.04 -5.82
N GLU A 215 1.82 -8.35 -4.87
CA GLU A 215 1.29 -7.40 -3.89
C GLU A 215 2.39 -6.73 -3.07
N THR A 216 3.46 -7.46 -2.76
CA THR A 216 4.60 -6.93 -2.00
C THR A 216 5.96 -7.23 -2.64
N THR A 217 6.98 -6.42 -2.34
CA THR A 217 8.36 -6.83 -2.69
C THR A 217 8.85 -8.02 -1.86
N GLN A 218 8.45 -8.07 -0.59
CA GLN A 218 8.97 -9.11 0.27
C GLN A 218 8.64 -10.51 -0.26
N SER A 219 7.46 -10.69 -0.83
CA SER A 219 6.99 -12.00 -1.23
C SER A 219 7.93 -12.57 -2.33
N LEU A 220 8.19 -11.76 -3.35
CA LEU A 220 9.05 -12.28 -4.43
C LEU A 220 10.52 -12.38 -4.02
N ILE A 221 11.00 -11.41 -3.26
CA ILE A 221 12.34 -11.52 -2.71
C ILE A 221 12.51 -12.85 -1.99
N GLN A 222 11.55 -13.23 -1.16
CA GLN A 222 11.66 -14.44 -0.35
C GLN A 222 11.64 -15.65 -1.28
N PHE A 223 10.77 -15.59 -2.28
CA PHE A 223 10.67 -16.69 -3.26
C PHE A 223 11.99 -16.86 -4.00
N VAL A 224 12.52 -15.78 -4.57
CA VAL A 224 13.81 -15.83 -5.25
C VAL A 224 14.95 -16.37 -4.40
N ARG A 225 15.07 -15.85 -3.19
CA ARG A 225 16.09 -16.35 -2.28
C ARG A 225 15.96 -17.85 -2.01
N THR A 226 14.74 -18.33 -1.86
CA THR A 226 14.42 -19.76 -1.66
C THR A 226 14.87 -20.60 -2.86
N VAL A 227 14.44 -20.20 -4.06
CA VAL A 227 14.84 -20.96 -5.26
C VAL A 227 16.37 -20.94 -5.40
N ARG A 228 17.01 -19.79 -5.17
CA ARG A 228 18.47 -19.70 -5.32
C ARG A 228 19.20 -20.65 -4.32
N ASP A 229 18.62 -20.81 -3.14
CA ASP A 229 19.17 -21.73 -2.14
C ASP A 229 19.13 -23.15 -2.70
N TYR A 230 17.99 -23.56 -3.25
CA TYR A 230 17.92 -24.85 -3.92
C TYR A 230 18.86 -24.98 -5.12
N ILE A 231 18.98 -23.92 -5.95
CA ILE A 231 19.87 -23.99 -7.11
C ILE A 231 21.29 -24.21 -6.60
N ASN A 232 21.67 -23.46 -5.56
CA ASN A 232 23.00 -23.58 -4.99
C ASN A 232 23.28 -24.99 -4.45
N ARG A 233 22.23 -25.74 -4.08
CA ARG A 233 22.29 -27.11 -3.57
C ARG A 233 22.14 -28.19 -4.64
N SER A 234 22.25 -27.81 -5.92
CA SER A 234 21.96 -28.68 -7.04
C SER A 234 23.23 -28.93 -7.86
N PRO A 235 24.18 -29.68 -7.28
CA PRO A 235 25.44 -29.97 -7.95
C PRO A 235 25.20 -30.70 -9.25
N GLY A 236 25.78 -30.20 -10.33
CA GLY A 236 25.70 -30.97 -11.56
C GLY A 236 24.58 -30.46 -12.46
N ALA A 237 23.72 -29.57 -11.95
CA ALA A 237 22.52 -29.24 -12.76
C ALA A 237 22.87 -28.45 -14.03
N GLY A 238 22.02 -28.65 -15.04
CA GLY A 238 21.98 -27.83 -16.25
C GLY A 238 21.25 -26.54 -15.87
N PRO A 239 20.78 -25.85 -16.90
CA PRO A 239 20.15 -24.57 -16.65
C PRO A 239 18.88 -24.71 -15.78
N THR A 240 18.51 -23.64 -15.08
CA THR A 240 17.22 -23.65 -14.37
C THR A 240 16.19 -23.18 -15.40
N VAL A 241 15.05 -23.89 -15.42
CA VAL A 241 13.96 -23.53 -16.33
C VAL A 241 13.08 -22.52 -15.60
N VAL A 242 12.73 -21.45 -16.31
CA VAL A 242 11.80 -20.45 -15.75
C VAL A 242 10.70 -20.17 -16.77
N HIS A 243 9.42 -20.21 -16.37
CA HIS A 243 8.39 -19.90 -17.36
C HIS A 243 7.17 -19.27 -16.66
N CYS A 244 6.42 -18.56 -17.50
CA CYS A 244 5.05 -18.12 -17.16
C CYS A 244 4.15 -18.61 -18.28
N SER A 245 3.30 -17.74 -18.84
CA SER A 245 2.51 -18.18 -20.01
C SER A 245 3.28 -17.91 -21.33
N ALA A 246 3.78 -16.70 -21.54
CA ALA A 246 4.51 -16.41 -22.79
C ALA A 246 6.02 -16.57 -22.59
N GLY A 247 6.44 -16.61 -21.31
CA GLY A 247 7.85 -16.70 -20.93
C GLY A 247 8.73 -15.48 -21.18
N VAL A 248 8.16 -14.31 -20.93
CA VAL A 248 8.85 -13.03 -21.10
C VAL A 248 8.75 -12.07 -19.93
N GLY A 249 7.55 -11.89 -19.37
CA GLY A 249 7.40 -10.78 -18.44
C GLY A 249 7.67 -11.18 -17.02
N ARG A 250 6.81 -12.00 -16.45
CA ARG A 250 7.07 -12.50 -15.11
C ARG A 250 8.35 -13.29 -15.07
N THR A 251 8.54 -14.07 -16.12
CA THR A 251 9.82 -14.81 -16.26
C THR A 251 11.04 -13.90 -16.24
N GLY A 252 11.02 -12.85 -17.05
CA GLY A 252 12.16 -11.95 -17.13
C GLY A 252 12.36 -11.21 -15.81
N THR A 253 11.26 -10.79 -15.17
CA THR A 253 11.36 -10.06 -13.90
C THR A 253 11.97 -10.98 -12.83
N PHE A 254 11.57 -12.26 -12.83
CA PHE A 254 12.12 -13.21 -11.86
C PHE A 254 13.64 -13.32 -12.07
N ILE A 255 14.08 -13.51 -13.32
CA ILE A 255 15.50 -13.69 -13.60
C ILE A 255 16.29 -12.44 -13.26
N ALA A 256 15.76 -11.29 -13.65
CA ALA A 256 16.42 -10.02 -13.35
C ALA A 256 16.58 -9.87 -11.83
N LEU A 257 15.53 -10.18 -11.07
CA LEU A 257 15.66 -10.07 -9.60
C LEU A 257 16.70 -11.09 -9.07
N ASP A 258 16.70 -12.31 -9.59
CA ASP A 258 17.67 -13.30 -9.12
C ASP A 258 19.10 -12.77 -9.35
N ARG A 259 19.33 -12.18 -10.51
CA ARG A 259 20.68 -11.70 -10.89
C ARG A 259 21.08 -10.50 -10.02
N ILE A 260 20.14 -9.56 -9.84
CA ILE A 260 20.45 -8.34 -9.04
C ILE A 260 20.64 -8.63 -7.55
N LEU A 261 19.86 -9.56 -7.00
CA LEU A 261 20.11 -9.97 -5.61
C LEU A 261 21.52 -10.55 -5.40
N GLN A 262 21.99 -11.39 -6.33
CA GLN A 262 23.36 -11.85 -6.26
C GLN A 262 24.38 -10.73 -6.38
N GLN A 263 24.08 -9.75 -7.23
CA GLN A 263 24.94 -8.57 -7.31
C GLN A 263 25.06 -7.90 -5.95
N LEU A 264 23.93 -7.77 -5.26
CA LEU A 264 23.92 -7.05 -3.97
C LEU A 264 24.74 -7.75 -2.91
N ASP A 265 24.84 -9.08 -3.00
CA ASP A 265 25.46 -9.87 -1.94
C ASP A 265 26.97 -9.96 -2.11
N SER A 266 27.45 -9.54 -3.27
CA SER A 266 28.81 -9.81 -3.68
C SER A 266 29.51 -8.53 -4.13
N LYS A 267 28.71 -7.51 -4.45
CA LYS A 267 29.24 -6.37 -5.18
C LYS A 267 28.84 -5.03 -4.55
N ASP A 268 29.51 -3.96 -4.98
CA ASP A 268 29.37 -2.64 -4.38
C ASP A 268 28.43 -1.79 -5.21
N SER A 269 27.93 -2.37 -6.31
CA SER A 269 27.12 -1.65 -7.28
C SER A 269 25.98 -2.59 -7.69
N VAL A 270 24.91 -2.03 -8.25
CA VAL A 270 23.82 -2.85 -8.76
C VAL A 270 23.45 -2.32 -10.14
N ASP A 271 23.14 -3.21 -11.08
CA ASP A 271 22.95 -2.74 -12.45
C ASP A 271 21.65 -3.35 -13.01
N ILE A 272 20.52 -2.77 -12.65
CA ILE A 272 19.23 -3.27 -13.13
C ILE A 272 19.08 -3.08 -14.65
N TYR A 273 19.39 -1.89 -15.16
CA TYR A 273 19.37 -1.67 -16.60
C TYR A 273 20.18 -2.73 -17.36
N GLY A 274 21.40 -2.97 -16.88
CA GLY A 274 22.31 -3.90 -17.55
C GLY A 274 21.75 -5.31 -17.51
N ALA A 275 21.13 -5.68 -16.39
CA ALA A 275 20.52 -7.02 -16.36
C ALA A 275 19.39 -7.16 -17.41
N VAL A 276 18.50 -6.18 -17.44
CA VAL A 276 17.38 -6.25 -18.39
C VAL A 276 17.89 -6.17 -19.82
N HIS A 277 18.89 -5.33 -20.07
CA HIS A 277 19.52 -5.29 -21.39
C HIS A 277 20.04 -6.69 -21.82
N ASP A 278 20.75 -7.40 -20.94
CA ASP A 278 21.32 -8.71 -21.30
C ASP A 278 20.20 -9.68 -21.56
N LEU A 279 19.11 -9.60 -20.78
CA LEU A 279 17.98 -10.49 -21.04
C LEU A 279 17.40 -10.23 -22.43
N ARG A 280 17.15 -8.95 -22.75
CA ARG A 280 16.57 -8.59 -24.05
C ARG A 280 17.44 -9.02 -25.24
N LEU A 281 18.75 -9.08 -25.07
CA LEU A 281 19.57 -9.57 -26.17
C LEU A 281 19.24 -11.02 -26.55
N HIS A 282 18.70 -11.76 -25.58
CA HIS A 282 18.46 -13.18 -25.72
C HIS A 282 17.01 -13.62 -25.99
N ARG A 283 16.05 -12.78 -25.63
CA ARG A 283 14.65 -13.11 -25.94
C ARG A 283 13.86 -11.80 -25.93
N VAL A 284 12.86 -11.74 -26.81
CA VAL A 284 12.01 -10.55 -26.96
C VAL A 284 11.21 -10.25 -25.68
N HIS A 285 10.99 -8.95 -25.41
CA HIS A 285 10.03 -8.53 -24.37
C HIS A 285 10.37 -8.90 -22.92
N MET A 286 11.61 -9.32 -22.61
CA MET A 286 11.90 -9.70 -21.22
C MET A 286 11.75 -8.50 -20.30
N VAL A 287 10.94 -8.72 -19.26
CA VAL A 287 10.41 -7.64 -18.36
C VAL A 287 9.42 -6.83 -19.23
N GLN A 288 8.19 -7.28 -19.22
CA GLN A 288 7.27 -7.03 -20.32
C GLN A 288 6.50 -5.71 -20.12
N THR A 289 6.41 -5.24 -18.87
CA THR A 289 5.71 -3.99 -18.60
C THR A 289 6.58 -3.01 -17.82
N GLU A 290 6.28 -1.71 -17.96
CA GLU A 290 7.05 -0.74 -17.21
C GLU A 290 6.84 -0.99 -15.72
N CYS A 291 5.65 -1.41 -15.26
CA CYS A 291 5.48 -1.61 -13.82
C CYS A 291 6.44 -2.69 -13.28
N GLN A 292 6.74 -3.67 -14.12
CA GLN A 292 7.66 -4.72 -13.70
C GLN A 292 9.04 -4.14 -13.54
N TYR A 293 9.41 -3.18 -14.40
CA TYR A 293 10.74 -2.56 -14.30
C TYR A 293 10.79 -1.69 -13.03
N VAL A 294 9.71 -0.97 -12.74
CA VAL A 294 9.58 -0.23 -11.46
C VAL A 294 9.76 -1.18 -10.29
N TYR A 295 9.07 -2.32 -10.31
CA TYR A 295 9.07 -3.32 -9.24
C TYR A 295 10.49 -3.83 -8.93
N LEU A 296 11.31 -4.05 -9.96
CA LEU A 296 12.71 -4.43 -9.73
C LEU A 296 13.44 -3.37 -8.89
N HIS A 297 13.23 -2.11 -9.23
CA HIS A 297 13.81 -1.03 -8.41
C HIS A 297 13.24 -0.99 -7.00
N GLN A 298 11.95 -1.24 -6.82
CA GLN A 298 11.35 -1.21 -5.48
C GLN A 298 11.91 -2.36 -4.63
N CYS A 299 12.18 -3.52 -5.25
CA CYS A 299 12.74 -4.67 -4.51
C CYS A 299 14.15 -4.33 -4.07
N VAL A 300 14.95 -3.74 -4.95
CA VAL A 300 16.33 -3.40 -4.61
C VAL A 300 16.31 -2.31 -3.51
N ARG A 301 15.45 -1.32 -3.67
CA ARG A 301 15.31 -0.27 -2.64
C ARG A 301 15.01 -0.90 -1.28
N ASP A 302 14.07 -1.82 -1.26
CA ASP A 302 13.66 -2.43 0.00
C ASP A 302 14.74 -3.28 0.67
N VAL A 303 15.48 -4.06 -0.12
CA VAL A 303 16.63 -4.81 0.39
C VAL A 303 17.77 -3.94 0.95
N LEU A 304 18.14 -2.90 0.21
CA LEU A 304 19.20 -1.97 0.63
C LEU A 304 18.81 -1.21 1.90
N ARG A 305 17.54 -0.83 2.03
CA ARG A 305 17.05 -0.19 3.26
C ARG A 305 17.23 -1.13 4.45
N ALA A 306 16.85 -2.39 4.26
CA ALA A 306 17.02 -3.36 5.32
C ALA A 306 18.48 -3.59 5.69
N ARG A 307 19.37 -3.55 4.70
CA ARG A 307 20.80 -3.82 4.90
C ARG A 307 21.52 -2.64 5.55
N LYS A 308 21.63 -1.55 4.79
CA LYS A 308 22.31 -0.34 5.26
C LYS A 308 21.35 0.26 6.27
N LEU A 309 21.33 -0.39 7.44
CA LEU A 309 20.40 -0.19 8.54
C LEU A 309 20.75 -1.15 9.69
N LYS B 18 2.52 -2.89 17.03
CA LYS B 18 1.15 -2.59 17.49
C LYS B 18 0.86 -1.08 17.37
N THR B 19 1.46 -0.47 16.36
CA THR B 19 1.49 0.99 16.19
C THR B 19 0.74 1.43 14.94
N SER B 20 0.67 0.55 13.94
CA SER B 20 -0.12 0.83 12.76
C SER B 20 -0.49 -0.44 12.02
N CYS B 21 -1.59 -0.38 11.27
CA CYS B 21 -2.08 -1.54 10.55
C CYS B 21 -2.63 -1.09 9.19
N PRO B 22 -1.73 -0.77 8.26
CA PRO B 22 -2.07 -0.30 6.92
C PRO B 22 -2.74 -1.42 6.12
N ILE B 23 -3.78 -1.05 5.37
CA ILE B 23 -4.51 -2.02 4.57
C ILE B 23 -4.53 -1.53 3.12
N LYS B 24 -4.15 -2.41 2.20
CA LYS B 24 -4.16 -2.05 0.79
C LYS B 24 -5.59 -1.72 0.40
N ILE B 25 -5.74 -0.64 -0.36
CA ILE B 25 -7.04 -0.18 -0.82
C ILE B 25 -7.82 -1.27 -1.56
N ASN B 26 -7.16 -1.94 -2.50
CA ASN B 26 -7.83 -3.00 -3.25
C ASN B 26 -8.05 -4.25 -2.40
N GLN B 27 -7.60 -4.22 -1.15
CA GLN B 27 -7.87 -5.33 -0.22
C GLN B 27 -8.78 -4.98 0.96
N PHE B 28 -9.29 -3.75 0.99
CA PHE B 28 -10.06 -3.28 2.14
C PHE B 28 -11.36 -4.03 2.42
N GLU B 29 -12.16 -4.26 1.37
CA GLU B 29 -13.40 -5.03 1.53
C GLU B 29 -13.21 -6.34 2.29
N GLY B 30 -12.31 -7.20 1.83
CA GLY B 30 -12.00 -8.45 2.52
C GLY B 30 -11.52 -8.29 3.95
N HIS B 31 -10.63 -7.32 4.16
CA HIS B 31 -10.10 -7.02 5.49
C HIS B 31 -11.26 -6.70 6.45
N PHE B 32 -12.16 -5.86 5.97
CA PHE B 32 -13.34 -5.48 6.75
C PHE B 32 -14.23 -6.70 7.02
N MET B 33 -14.46 -7.53 6.01
CA MET B 33 -15.23 -8.77 6.24
C MET B 33 -14.59 -9.59 7.38
N LYS B 34 -13.27 -9.76 7.34
CA LYS B 34 -12.54 -10.44 8.40
C LYS B 34 -12.74 -9.82 9.78
N LEU B 35 -12.72 -8.48 9.87
CA LEU B 35 -12.89 -7.81 11.15
C LEU B 35 -14.30 -7.97 11.70
N GLN B 36 -15.29 -7.98 10.81
CA GLN B 36 -16.70 -8.12 11.16
C GLN B 36 -17.11 -9.55 11.52
N ALA B 37 -16.30 -10.51 11.09
CA ALA B 37 -16.57 -11.93 11.32
C ALA B 37 -16.79 -12.21 12.80
N ASP B 38 -17.68 -13.15 13.11
CA ASP B 38 -17.97 -13.53 14.49
C ASP B 38 -18.57 -12.34 15.25
N SER B 39 -19.43 -11.59 14.56
CA SER B 39 -19.97 -10.32 15.05
C SER B 39 -18.88 -9.41 15.63
N ASN B 40 -18.08 -8.83 14.73
CA ASN B 40 -17.06 -7.86 15.11
C ASN B 40 -16.00 -8.34 16.10
N TYR B 41 -15.70 -9.63 16.09
CA TYR B 41 -14.77 -10.20 17.07
C TYR B 41 -13.35 -9.59 17.02
N LEU B 42 -12.74 -9.63 15.84
CA LEU B 42 -11.41 -9.06 15.63
C LEU B 42 -11.40 -7.52 15.69
N LEU B 43 -12.46 -6.90 15.18
CA LEU B 43 -12.64 -5.46 15.34
C LEU B 43 -12.49 -5.10 16.82
N SER B 44 -13.27 -5.77 17.67
CA SER B 44 -13.27 -5.51 19.11
C SER B 44 -11.89 -5.66 19.76
N LYS B 45 -11.16 -6.70 19.36
CA LYS B 45 -9.80 -6.88 19.81
C LYS B 45 -8.86 -5.76 19.39
N GLU B 46 -9.03 -5.26 18.17
CA GLU B 46 -8.22 -4.15 17.68
C GLU B 46 -8.49 -2.89 18.49
N TYR B 47 -9.77 -2.62 18.75
CA TYR B 47 -10.16 -1.43 19.49
C TYR B 47 -9.70 -1.54 20.94
N GLU B 48 -9.67 -2.77 21.47
CA GLU B 48 -9.10 -2.96 22.79
C GLU B 48 -7.57 -2.82 22.78
N GLU B 49 -6.92 -3.21 21.70
CA GLU B 49 -5.48 -3.00 21.55
C GLU B 49 -5.08 -1.53 21.65
N LEU B 50 -6.03 -0.62 21.38
CA LEU B 50 -5.76 0.82 21.37
C LEU B 50 -6.03 1.41 22.75
N LYS B 51 -6.66 0.60 23.60
CA LYS B 51 -7.07 0.96 24.97
C LYS B 51 -5.98 1.60 25.81
N ASP B 52 -4.79 1.03 25.71
CA ASP B 52 -3.65 1.41 26.55
C ASP B 52 -2.79 2.54 25.98
N VAL B 53 -3.08 2.98 24.76
CA VAL B 53 -2.12 3.86 24.07
C VAL B 53 -2.12 5.20 24.79
N GLY B 54 -0.90 5.68 25.03
CA GLY B 54 -0.68 7.03 25.62
C GLY B 54 -0.87 7.08 27.12
N ARG B 55 -1.24 5.97 27.75
CA ARG B 55 -1.71 6.05 29.15
C ARG B 55 -0.63 6.16 30.22
N ASN B 56 0.64 6.18 29.80
CA ASN B 56 1.74 6.51 30.67
C ASN B 56 1.81 7.99 31.05
N GLN B 57 0.97 8.84 30.45
CA GLN B 57 1.14 10.29 30.54
C GLN B 57 0.28 11.00 31.60
N SER B 58 0.87 12.00 32.25
CA SER B 58 0.25 12.71 33.35
C SER B 58 -0.59 13.91 32.86
N CYS B 59 -1.55 14.27 33.70
CA CYS B 59 -2.35 15.49 33.49
CA CYS B 59 -2.37 15.45 33.49
C CYS B 59 -2.32 16.36 34.71
N ASP B 60 -1.12 16.57 35.27
CA ASP B 60 -1.01 17.34 36.52
C ASP B 60 -1.50 18.78 36.49
N ILE B 61 -1.24 19.46 35.37
CA ILE B 61 -1.54 20.88 35.31
C ILE B 61 -3.05 21.04 35.31
N ALA B 62 -3.74 20.19 34.56
CA ALA B 62 -5.20 20.23 34.49
C ALA B 62 -5.84 19.97 35.84
N LEU B 63 -5.11 19.26 36.69
CA LEU B 63 -5.58 18.92 38.04
C LEU B 63 -5.26 19.94 39.13
N LEU B 64 -4.50 20.98 38.81
CA LEU B 64 -4.22 22.05 39.82
C LEU B 64 -5.50 22.69 40.36
N PRO B 65 -5.54 23.02 41.66
CA PRO B 65 -6.81 23.56 42.14
C PRO B 65 -7.27 24.84 41.42
N GLU B 66 -6.34 25.68 41.01
CA GLU B 66 -6.66 26.91 40.30
C GLU B 66 -7.41 26.60 38.99
N ASN B 67 -7.25 25.38 38.48
CA ASN B 67 -7.82 25.05 37.18
C ASN B 67 -9.15 24.28 37.25
N ARG B 68 -9.64 23.96 38.43
CA ARG B 68 -10.75 22.98 38.53
C ARG B 68 -11.98 23.36 37.69
N GLY B 69 -12.36 24.65 37.79
CA GLY B 69 -13.58 25.16 37.17
C GLY B 69 -13.39 25.39 35.68
N LYS B 70 -12.18 25.08 35.18
CA LYS B 70 -11.89 25.28 33.75
C LYS B 70 -12.11 24.00 32.96
N ASN B 71 -12.44 22.90 33.64
CA ASN B 71 -12.70 21.66 32.94
C ASN B 71 -14.18 21.28 32.96
N ARG B 72 -14.74 20.98 31.80
CA ARG B 72 -16.17 20.67 31.76
C ARG B 72 -16.41 19.28 32.39
N TYR B 73 -15.48 18.35 32.18
CA TYR B 73 -15.52 16.98 32.74
C TYR B 73 -14.26 16.79 33.58
N ASN B 74 -14.42 16.49 34.86
CA ASN B 74 -13.25 16.41 35.74
C ASN B 74 -12.32 15.26 35.39
N ASN B 75 -12.81 14.32 34.60
CA ASN B 75 -12.04 13.16 34.23
C ASN B 75 -11.65 13.10 32.75
N ILE B 76 -11.81 14.21 32.02
CA ILE B 76 -11.36 14.22 30.63
C ILE B 76 -10.49 15.47 30.51
N LEU B 77 -9.19 15.25 30.63
CA LEU B 77 -8.22 16.33 30.79
C LEU B 77 -7.06 16.13 29.83
N PRO B 78 -6.41 17.22 29.40
CA PRO B 78 -5.29 17.11 28.45
C PRO B 78 -4.05 16.56 29.17
N TYR B 79 -3.28 15.73 28.46
CA TYR B 79 -1.92 15.43 28.95
C TYR B 79 -1.01 16.65 29.02
N ASP B 80 -0.20 16.71 30.07
CA ASP B 80 0.78 17.81 30.20
C ASP B 80 1.61 17.91 28.93
N ALA B 81 1.99 16.78 28.36
CA ALA B 81 2.98 16.76 27.28
C ALA B 81 2.47 17.44 25.99
N THR B 82 1.16 17.56 25.82
CA THR B 82 0.59 17.91 24.51
C THR B 82 -0.46 19.02 24.65
N ARG B 83 -0.62 19.56 25.86
CA ARG B 83 -1.63 20.63 26.06
C ARG B 83 -1.27 21.91 25.31
N VAL B 84 -2.30 22.64 24.92
CA VAL B 84 -2.13 23.98 24.37
C VAL B 84 -2.02 24.99 25.52
N LYS B 85 -0.96 25.81 25.48
CA LYS B 85 -0.76 26.86 26.51
C LYS B 85 -1.18 28.23 26.01
N LEU B 86 -1.90 28.95 26.86
CA LEU B 86 -2.21 30.36 26.63
C LEU B 86 -1.01 31.22 27.07
N SER B 87 -0.79 32.33 26.39
CA SER B 87 0.26 33.26 26.79
C SER B 87 -0.03 33.81 28.19
N CYS B 94 -1.20 29.84 36.66
CA CYS B 94 -2.27 28.98 36.15
C CYS B 94 -3.09 29.65 35.05
N SER B 95 -2.77 30.91 34.78
CA SER B 95 -3.41 31.64 33.69
C SER B 95 -3.15 31.01 32.31
N ASP B 96 -2.20 30.09 32.21
CA ASP B 96 -1.86 29.56 30.89
C ASP B 96 -2.75 28.38 30.50
N TYR B 97 -3.67 27.98 31.37
CA TYR B 97 -4.37 26.71 31.16
C TYR B 97 -5.66 26.80 30.33
N ILE B 98 -5.75 25.93 29.34
CA ILE B 98 -7.03 25.63 28.71
C ILE B 98 -7.13 24.11 28.42
N ASN B 99 -8.35 23.58 28.45
CA ASN B 99 -8.53 22.15 28.18
C ASN B 99 -8.52 21.95 26.69
N ALA B 100 -7.28 21.76 26.18
CA ALA B 100 -7.09 21.66 24.74
C ALA B 100 -5.75 20.98 24.49
N SER B 101 -5.63 20.31 23.34
CA SER B 101 -4.43 19.50 23.07
C SER B 101 -4.07 19.68 21.58
N TYR B 102 -2.77 19.67 21.27
CA TYR B 102 -2.34 19.57 19.86
C TYR B 102 -2.40 18.13 19.34
N ILE B 103 -2.87 17.98 18.10
CA ILE B 103 -3.02 16.66 17.48
C ILE B 103 -2.37 16.66 16.08
N PRO B 104 -1.46 15.70 15.80
CA PRO B 104 -0.88 15.57 14.46
C PRO B 104 -1.90 15.19 13.38
N GLY B 105 -1.66 15.63 12.14
CA GLY B 105 -2.43 15.09 11.02
C GLY B 105 -1.59 14.32 10.01
N ASN B 106 -2.12 14.17 8.80
CA ASN B 106 -1.38 13.50 7.74
C ASN B 106 -0.12 14.26 7.34
N ASN B 107 -0.16 15.58 7.58
CA ASN B 107 0.68 16.56 6.89
C ASN B 107 1.72 17.24 7.78
N PHE B 108 1.36 17.46 9.03
CA PHE B 108 2.22 18.13 10.00
C PHE B 108 1.83 17.80 11.43
N ARG B 109 2.74 18.07 12.35
CA ARG B 109 2.48 17.70 13.74
C ARG B 109 1.49 18.48 14.60
N ARG B 110 1.26 19.75 14.31
CA ARG B 110 0.19 20.44 15.06
C ARG B 110 -0.91 20.84 14.09
N GLU B 111 -1.39 19.85 13.38
CA GLU B 111 -2.38 20.13 12.37
C GLU B 111 -3.74 20.52 12.98
N TYR B 112 -4.04 20.00 14.17
CA TYR B 112 -5.34 20.32 14.78
C TYR B 112 -5.14 20.71 16.24
N ILE B 113 -6.09 21.47 16.79
CA ILE B 113 -6.15 21.68 18.24
C ILE B 113 -7.50 21.10 18.60
N VAL B 114 -7.53 20.13 19.53
CA VAL B 114 -8.87 19.62 19.95
C VAL B 114 -9.15 20.19 21.32
N THR B 115 -10.42 20.49 21.62
CA THR B 115 -10.67 21.13 22.89
C THR B 115 -12.07 20.69 23.35
N GLN B 116 -12.38 20.90 24.63
CA GLN B 116 -13.75 20.67 25.11
C GLN B 116 -14.69 21.78 24.63
N GLY B 117 -16.00 21.58 24.77
CA GLY B 117 -16.87 22.68 24.39
C GLY B 117 -16.74 23.77 25.44
N PRO B 118 -16.49 25.00 25.00
CA PRO B 118 -16.26 26.07 25.99
C PRO B 118 -17.35 26.20 27.03
N LEU B 119 -16.94 26.52 28.25
CA LEU B 119 -17.83 26.82 29.38
C LEU B 119 -18.07 28.34 29.36
N PRO B 120 -19.15 28.78 30.00
CA PRO B 120 -19.38 30.21 30.17
C PRO B 120 -18.15 30.94 30.67
N GLY B 121 -17.41 30.36 31.61
CA GLY B 121 -16.24 31.03 32.14
C GLY B 121 -14.94 30.71 31.43
N THR B 122 -14.98 29.89 30.38
CA THR B 122 -13.76 29.69 29.60
C THR B 122 -13.85 30.16 28.17
N LYS B 123 -15.01 30.67 27.77
CA LYS B 123 -15.08 31.06 26.37
C LYS B 123 -14.11 32.19 26.01
N ASP B 124 -13.78 33.08 26.96
CA ASP B 124 -12.77 34.10 26.65
C ASP B 124 -11.39 33.44 26.43
N ASP B 125 -11.09 32.38 27.18
CA ASP B 125 -9.85 31.61 27.01
C ASP B 125 -9.83 30.94 25.63
N PHE B 126 -10.96 30.37 25.23
CA PHE B 126 -11.11 29.74 23.90
C PHE B 126 -10.77 30.75 22.79
N TRP B 127 -11.40 31.94 22.82
CA TRP B 127 -11.12 32.87 21.75
C TRP B 127 -9.67 33.39 21.79
N LYS B 128 -9.10 33.52 23.00
CA LYS B 128 -7.69 33.95 23.12
C LYS B 128 -6.78 32.90 22.47
N MET B 129 -7.10 31.63 22.68
CA MET B 129 -6.40 30.53 22.00
C MET B 129 -6.51 30.64 20.48
N VAL B 130 -7.72 30.82 19.99
CA VAL B 130 -7.94 30.96 18.55
C VAL B 130 -7.08 32.12 17.96
N TRP B 131 -7.07 33.26 18.65
CA TRP B 131 -6.27 34.40 18.21
C TRP B 131 -4.76 34.10 18.22
N GLU B 132 -4.25 33.67 19.37
CA GLU B 132 -2.81 33.43 19.54
C GLU B 132 -2.26 32.33 18.63
N GLN B 133 -3.08 31.30 18.36
CA GLN B 133 -2.66 30.18 17.53
C GLN B 133 -2.90 30.36 16.03
N ASN B 134 -3.36 31.56 15.65
CA ASN B 134 -3.64 31.91 14.25
C ASN B 134 -4.65 30.95 13.62
N VAL B 135 -5.69 30.59 14.37
CA VAL B 135 -6.65 29.62 13.85
C VAL B 135 -7.58 30.38 12.89
N HIS B 136 -7.84 29.80 11.72
CA HIS B 136 -8.84 30.37 10.81
C HIS B 136 -10.08 29.51 10.63
N ASN B 137 -10.02 28.24 11.04
CA ASN B 137 -11.15 27.32 10.85
C ASN B 137 -11.45 26.58 12.15
N ILE B 138 -12.72 26.55 12.53
CA ILE B 138 -13.16 25.86 13.73
C ILE B 138 -14.28 24.89 13.33
N VAL B 139 -14.16 23.64 13.78
CA VAL B 139 -15.14 22.59 13.50
C VAL B 139 -15.82 22.18 14.81
N MET B 140 -17.16 22.24 14.85
CA MET B 140 -17.92 21.94 16.03
C MET B 140 -18.83 20.76 15.65
N VAL B 141 -18.69 19.64 16.38
CA VAL B 141 -19.51 18.47 16.04
C VAL B 141 -20.44 18.02 17.15
N THR B 142 -20.82 18.96 18.01
CA THR B 142 -21.90 18.73 18.98
C THR B 142 -22.95 19.81 18.82
N GLN B 143 -24.20 19.50 19.20
CA GLN B 143 -25.09 20.60 19.53
C GLN B 143 -24.79 21.20 20.90
N CYS B 144 -25.22 22.44 21.12
CA CYS B 144 -25.07 23.04 22.45
C CYS B 144 -25.82 22.33 23.57
N VAL B 145 -27.02 21.82 23.27
CA VAL B 145 -27.85 21.08 24.19
C VAL B 145 -28.33 19.87 23.40
N GLU B 146 -28.22 18.70 24.02
CA GLU B 146 -28.61 17.47 23.37
C GLU B 146 -29.54 16.72 24.29
N LYS B 147 -30.77 16.55 23.84
CA LYS B 147 -31.82 15.94 24.66
C LYS B 147 -31.87 16.63 26.04
N GLY B 148 -31.84 17.95 26.05
CA GLY B 148 -31.82 18.73 27.27
C GLY B 148 -30.60 18.66 28.17
N ARG B 149 -29.53 17.97 27.73
CA ARG B 149 -28.30 17.94 28.51
C ARG B 149 -27.38 18.98 27.90
N VAL B 150 -26.88 19.89 28.73
CA VAL B 150 -25.89 20.87 28.29
C VAL B 150 -24.59 20.19 27.84
N LYS B 151 -24.16 20.51 26.63
CA LYS B 151 -22.92 19.94 26.05
C LYS B 151 -21.89 21.06 25.82
N CYS B 152 -22.33 22.28 25.52
CA CYS B 152 -21.38 23.33 25.10
C CYS B 152 -22.04 24.68 25.28
N ASP B 153 -21.33 25.67 25.79
CA ASP B 153 -21.87 27.04 25.78
C ASP B 153 -22.04 27.56 24.35
N HIS B 154 -23.03 28.41 24.15
CA HIS B 154 -23.12 29.15 22.90
C HIS B 154 -22.10 30.27 22.91
N TYR B 155 -20.91 29.99 22.41
CA TYR B 155 -19.78 30.87 22.67
C TYR B 155 -19.49 31.86 21.55
N TRP B 156 -20.42 31.99 20.60
CA TRP B 156 -20.29 33.05 19.60
C TRP B 156 -21.50 34.01 19.62
N PRO B 157 -21.41 35.19 18.99
CA PRO B 157 -22.54 36.11 19.05
C PRO B 157 -23.75 35.54 18.32
N ALA B 158 -24.92 35.71 18.91
CA ALA B 158 -26.16 35.00 18.58
C ALA B 158 -26.79 35.41 17.26
N ASP B 159 -26.52 36.63 16.81
CA ASP B 159 -26.93 37.05 15.49
C ASP B 159 -25.79 37.88 14.92
N GLN B 160 -26.12 38.93 14.16
CA GLN B 160 -25.05 39.72 13.54
C GLN B 160 -24.61 40.88 14.45
N ASP B 161 -24.93 40.75 15.73
CA ASP B 161 -24.45 41.67 16.77
C ASP B 161 -23.00 41.29 17.05
N SER B 162 -22.24 42.23 17.60
CA SER B 162 -20.86 41.96 18.05
C SER B 162 -20.86 41.86 19.57
N LEU B 163 -19.83 41.22 20.10
CA LEU B 163 -19.62 41.07 21.53
C LEU B 163 -18.12 40.98 21.80
N TYR B 164 -17.75 41.44 22.99
CA TYR B 164 -16.40 41.24 23.50
C TYR B 164 -16.25 39.87 24.12
N TYR B 165 -15.12 39.24 23.83
CA TYR B 165 -14.62 38.10 24.59
C TYR B 165 -13.22 38.39 25.10
N GLY B 166 -13.13 38.79 26.37
CA GLY B 166 -11.87 39.27 26.93
C GLY B 166 -11.38 40.50 26.18
N ASP B 167 -10.19 40.45 25.60
CA ASP B 167 -9.68 41.63 24.89
C ASP B 167 -10.05 41.62 23.41
N LEU B 168 -10.81 40.62 22.98
CA LEU B 168 -11.07 40.49 21.55
C LEU B 168 -12.50 40.93 21.31
N ILE B 169 -12.79 41.46 20.12
CA ILE B 169 -14.18 41.60 19.68
CA ILE B 169 -14.16 41.65 19.63
C ILE B 169 -14.47 40.70 18.48
N LEU B 170 -15.66 40.10 18.50
CA LEU B 170 -16.08 39.12 17.52
C LEU B 170 -17.41 39.62 16.96
N GLN B 171 -17.57 39.54 15.63
CA GLN B 171 -18.83 39.86 14.95
C GLN B 171 -19.15 38.77 13.94
N MET B 172 -20.39 38.28 13.93
CA MET B 172 -20.78 37.35 12.88
C MET B 172 -21.08 38.12 11.60
N LEU B 173 -20.49 37.67 10.50
CA LEU B 173 -20.69 38.27 9.19
C LEU B 173 -21.75 37.55 8.38
N SER B 174 -21.89 36.25 8.63
CA SER B 174 -22.78 35.41 7.83
C SER B 174 -23.06 34.07 8.50
N GLU B 175 -24.20 33.50 8.15
CA GLU B 175 -24.64 32.23 8.72
C GLU B 175 -25.47 31.57 7.64
N SER B 176 -25.06 30.38 7.22
CA SER B 176 -25.79 29.60 6.23
C SER B 176 -26.14 28.28 6.87
N VAL B 177 -27.44 28.03 6.98
CA VAL B 177 -27.97 26.81 7.55
C VAL B 177 -28.32 25.78 6.48
N LEU B 178 -27.62 24.64 6.48
CA LEU B 178 -28.02 23.46 5.71
C LEU B 178 -28.70 22.41 6.60
N PRO B 179 -29.42 21.44 5.99
CA PRO B 179 -30.00 20.36 6.76
C PRO B 179 -29.11 19.73 7.83
N GLU B 180 -27.83 19.51 7.54
CA GLU B 180 -27.03 18.73 8.48
C GLU B 180 -25.84 19.50 9.08
N TRP B 181 -25.62 20.71 8.60
CA TRP B 181 -24.58 21.56 9.15
C TRP B 181 -24.81 23.01 8.78
N THR B 182 -24.12 23.90 9.50
CA THR B 182 -24.27 25.34 9.37
C THR B 182 -22.87 25.92 9.28
N ILE B 183 -22.66 26.88 8.39
CA ILE B 183 -21.34 27.47 8.24
C ILE B 183 -21.52 28.93 8.59
N ARG B 184 -20.66 29.43 9.47
CA ARG B 184 -20.75 30.82 9.92
C ARG B 184 -19.39 31.47 9.66
N GLU B 185 -19.37 32.79 9.43
CA GLU B 185 -18.11 33.49 9.27
C GLU B 185 -18.10 34.61 10.30
N PHE B 186 -16.96 34.75 10.97
CA PHE B 186 -16.75 35.78 11.98
C PHE B 186 -15.57 36.67 11.63
N LYS B 187 -15.68 37.93 12.03
CA LYS B 187 -14.53 38.81 12.04
C LYS B 187 -14.05 38.91 13.49
N ILE B 188 -12.74 38.79 13.72
CA ILE B 188 -12.23 38.95 15.07
C ILE B 188 -11.21 40.09 15.06
N CYS B 189 -11.34 41.01 16.02
CA CYS B 189 -10.33 42.08 16.22
C CYS B 189 -9.62 41.95 17.56
N GLY B 190 -8.29 42.11 17.56
CA GLY B 190 -7.51 41.97 18.79
C GLY B 190 -6.32 42.90 18.79
N HIS B 197 -8.12 42.59 12.26
CA HIS B 197 -9.20 41.70 11.83
C HIS B 197 -8.73 40.44 11.10
N ARG B 198 -9.20 39.29 11.58
CA ARG B 198 -9.01 38.05 10.81
C ARG B 198 -10.40 37.51 10.52
N LEU B 199 -10.52 36.68 9.48
CA LEU B 199 -11.79 36.05 9.15
C LEU B 199 -11.67 34.62 9.68
N ILE B 200 -12.66 34.19 10.44
CA ILE B 200 -12.68 32.82 10.95
C ILE B 200 -13.93 32.15 10.38
N ARG B 201 -13.80 30.91 9.92
CA ARG B 201 -14.97 30.17 9.46
C ARG B 201 -15.25 29.10 10.50
N HIS B 202 -16.53 28.93 10.82
CA HIS B 202 -17.00 27.95 11.80
C HIS B 202 -17.95 26.96 11.10
N PHE B 203 -17.66 25.66 11.21
CA PHE B 203 -18.39 24.60 10.50
C PHE B 203 -19.04 23.75 11.56
N HIS B 204 -20.37 23.85 11.68
CA HIS B 204 -21.09 23.24 12.76
C HIS B 204 -21.93 22.08 12.25
N TYR B 205 -21.52 20.84 12.59
CA TYR B 205 -22.28 19.63 12.19
C TYR B 205 -23.30 19.34 13.29
N THR B 206 -24.57 19.27 12.92
CA THR B 206 -25.62 19.37 13.94
C THR B 206 -26.40 18.07 14.19
N VAL B 207 -26.02 16.99 13.51
CA VAL B 207 -26.76 15.73 13.52
C VAL B 207 -25.93 14.51 14.01
N TRP B 208 -24.91 14.77 14.82
CA TRP B 208 -24.06 13.69 15.37
C TRP B 208 -24.30 13.51 16.87
N PRO B 209 -25.04 12.47 17.29
CA PRO B 209 -25.31 12.28 18.72
C PRO B 209 -24.07 11.87 19.55
N ASP B 210 -23.98 12.41 20.74
CA ASP B 210 -22.87 12.16 21.65
C ASP B 210 -22.77 10.65 21.87
N HIS B 211 -21.54 10.15 21.93
CA HIS B 211 -21.27 8.72 22.04
C HIS B 211 -21.92 7.87 20.97
N GLY B 212 -22.31 8.47 19.85
CA GLY B 212 -22.88 7.73 18.73
C GLY B 212 -22.24 8.07 17.39
N VAL B 213 -22.98 7.73 16.34
CA VAL B 213 -22.57 7.95 14.94
C VAL B 213 -23.71 8.62 14.19
N PRO B 214 -23.39 9.39 13.13
CA PRO B 214 -24.45 9.90 12.28
C PRO B 214 -25.19 8.75 11.62
N GLU B 215 -26.36 9.07 11.11
CA GLU B 215 -27.24 8.04 10.54
C GLU B 215 -26.73 7.47 9.22
N THR B 216 -25.92 8.24 8.49
CA THR B 216 -25.35 7.77 7.23
C THR B 216 -23.84 7.95 7.25
N THR B 217 -23.11 7.25 6.40
CA THR B 217 -21.72 7.63 6.19
C THR B 217 -21.62 8.82 5.23
N GLN B 218 -22.59 8.97 4.32
CA GLN B 218 -22.46 10.01 3.31
C GLN B 218 -22.43 11.41 3.94
N SER B 219 -23.25 11.63 4.97
CA SER B 219 -23.42 12.97 5.51
CA SER B 219 -23.42 12.97 5.52
C SER B 219 -22.09 13.48 6.07
N LEU B 220 -21.40 12.64 6.83
CA LEU B 220 -20.18 13.09 7.49
C LEU B 220 -19.02 13.11 6.50
N ILE B 221 -18.95 12.11 5.62
CA ILE B 221 -17.99 12.16 4.54
C ILE B 221 -18.08 13.47 3.75
N GLN B 222 -19.30 13.93 3.46
CA GLN B 222 -19.50 15.15 2.68
C GLN B 222 -19.04 16.37 3.50
N PHE B 223 -19.44 16.40 4.77
CA PHE B 223 -18.99 17.48 5.68
C PHE B 223 -17.46 17.52 5.83
N VAL B 224 -16.84 16.38 6.08
CA VAL B 224 -15.36 16.38 6.16
C VAL B 224 -14.70 16.86 4.86
N ARG B 225 -15.22 16.42 3.72
CA ARG B 225 -14.69 16.93 2.46
C ARG B 225 -14.85 18.43 2.27
N THR B 226 -16.00 18.95 2.69
CA THR B 226 -16.25 20.39 2.68
C THR B 226 -15.21 21.15 3.52
N VAL B 227 -15.05 20.75 4.78
CA VAL B 227 -14.10 21.39 5.70
C VAL B 227 -12.67 21.34 5.13
N ARG B 228 -12.25 20.18 4.63
CA ARG B 228 -10.89 20.01 4.10
C ARG B 228 -10.65 20.94 2.90
N ASP B 229 -11.68 21.10 2.07
CA ASP B 229 -11.62 22.03 0.92
C ASP B 229 -11.28 23.43 1.41
N TYR B 230 -11.95 23.83 2.49
CA TYR B 230 -11.69 25.14 3.09
C TYR B 230 -10.33 25.21 3.76
N ILE B 231 -9.92 24.13 4.44
CA ILE B 231 -8.63 24.14 5.12
C ILE B 231 -7.54 24.34 4.05
N ASN B 232 -7.69 23.65 2.92
CA ASN B 232 -6.70 23.68 1.84
C ASN B 232 -6.59 25.07 1.18
N ARG B 233 -7.61 25.90 1.39
CA ARG B 233 -7.64 27.27 0.86
C ARG B 233 -7.44 28.34 1.92
N SER B 234 -6.77 28.00 3.01
CA SER B 234 -6.56 28.90 4.14
C SER B 234 -5.07 29.16 4.32
N PRO B 235 -4.47 29.90 3.38
CA PRO B 235 -3.02 30.03 3.43
C PRO B 235 -2.63 30.73 4.72
N GLY B 236 -1.60 30.23 5.40
CA GLY B 236 -1.09 30.92 6.57
C GLY B 236 -1.71 30.45 7.87
N ALA B 237 -2.76 29.63 7.78
CA ALA B 237 -3.53 29.32 8.98
C ALA B 237 -2.70 28.47 9.94
N GLY B 238 -2.96 28.70 11.22
CA GLY B 238 -2.51 27.80 12.28
C GLY B 238 -3.33 26.51 12.29
N PRO B 239 -3.30 25.79 13.41
CA PRO B 239 -4.06 24.54 13.49
C PRO B 239 -5.56 24.74 13.26
N THR B 240 -6.24 23.71 12.77
CA THR B 240 -7.71 23.72 12.68
C THR B 240 -8.22 23.28 14.06
N VAL B 241 -9.17 24.03 14.63
CA VAL B 241 -9.74 23.65 15.97
C VAL B 241 -10.88 22.67 15.69
N VAL B 242 -10.95 21.60 16.48
CA VAL B 242 -12.10 20.69 16.41
C VAL B 242 -12.61 20.44 17.82
N HIS B 243 -13.94 20.49 18.02
CA HIS B 243 -14.41 20.19 19.37
C HIS B 243 -15.81 19.62 19.33
N CYS B 244 -16.16 18.93 20.41
CA CYS B 244 -17.53 18.50 20.67
C CYS B 244 -17.78 18.98 22.11
N SER B 245 -18.29 18.11 22.97
CA SER B 245 -18.49 18.52 24.39
C SER B 245 -17.21 18.19 25.19
N ALA B 246 -16.70 16.95 25.08
CA ALA B 246 -15.51 16.61 25.88
C ALA B 246 -14.25 16.75 25.03
N GLY B 247 -14.40 16.81 23.71
CA GLY B 247 -13.28 16.95 22.77
C GLY B 247 -12.47 15.67 22.57
N VAL B 248 -13.15 14.53 22.63
CA VAL B 248 -12.50 13.22 22.39
C VAL B 248 -13.17 12.28 21.38
N GLY B 249 -14.49 12.11 21.48
CA GLY B 249 -15.13 11.06 20.69
C GLY B 249 -15.48 11.46 19.27
N ARG B 250 -16.50 12.31 19.14
CA ARG B 250 -16.83 12.84 17.82
C ARG B 250 -15.68 13.64 17.26
N THR B 251 -14.98 14.33 18.13
CA THR B 251 -13.76 15.06 17.67
C THR B 251 -12.74 14.09 17.09
N GLY B 252 -12.46 13.01 17.81
CA GLY B 252 -11.39 12.11 17.37
C GLY B 252 -11.85 11.39 16.12
N THR B 253 -13.15 11.07 16.05
CA THR B 253 -13.66 10.40 14.86
C THR B 253 -13.58 11.30 13.61
N PHE B 254 -13.94 12.58 13.76
CA PHE B 254 -13.82 13.55 12.70
C PHE B 254 -12.38 13.62 12.16
N ILE B 255 -11.41 13.76 13.06
CA ILE B 255 -10.01 13.92 12.68
C ILE B 255 -9.51 12.64 12.01
N ALA B 256 -9.85 11.49 12.56
CA ALA B 256 -9.44 10.21 11.94
C ALA B 256 -10.02 10.11 10.52
N LEU B 257 -11.29 10.46 10.35
CA LEU B 257 -11.90 10.41 9.02
C LEU B 257 -11.21 11.40 8.07
N ASP B 258 -10.88 12.59 8.53
CA ASP B 258 -10.16 13.57 7.71
C ASP B 258 -8.81 13.00 7.24
N ARG B 259 -8.09 12.35 8.15
N ARG B 259 -8.14 12.31 8.16
CA ARG B 259 -6.79 11.78 7.82
CA ARG B 259 -6.81 11.78 7.88
C ARG B 259 -7.01 10.71 6.76
C ARG B 259 -6.88 10.59 6.93
N ILE B 260 -7.97 9.82 7.02
CA ILE B 260 -8.13 8.64 6.16
C ILE B 260 -8.67 8.98 4.77
N LEU B 261 -9.51 10.00 4.66
CA LEU B 261 -10.00 10.39 3.34
C LEU B 261 -8.88 11.03 2.51
N GLN B 262 -7.95 11.70 3.18
CA GLN B 262 -6.75 12.15 2.48
C GLN B 262 -5.90 10.98 2.01
N GLN B 263 -5.74 9.97 2.86
CA GLN B 263 -4.98 8.76 2.50
C GLN B 263 -5.58 8.05 1.30
N LEU B 264 -6.91 7.96 1.28
CA LEU B 264 -7.62 7.30 0.18
C LEU B 264 -7.39 8.02 -1.15
N ASP B 265 -7.27 9.34 -1.10
CA ASP B 265 -6.98 10.14 -2.30
C ASP B 265 -5.53 10.06 -2.77
N SER B 266 -4.59 9.99 -1.83
CA SER B 266 -3.18 10.13 -2.16
C SER B 266 -2.46 8.81 -2.30
N LYS B 267 -2.91 7.79 -1.57
CA LYS B 267 -2.15 6.56 -1.40
C LYS B 267 -2.94 5.34 -1.85
N ASP B 268 -2.30 4.18 -1.78
CA ASP B 268 -2.96 2.92 -2.14
C ASP B 268 -3.09 1.99 -0.94
N SER B 269 -2.81 2.53 0.24
CA SER B 269 -3.15 1.91 1.51
C SER B 269 -3.90 2.92 2.38
N VAL B 270 -4.60 2.40 3.38
CA VAL B 270 -5.26 3.25 4.37
C VAL B 270 -4.95 2.65 5.74
N ASP B 271 -4.77 3.50 6.75
CA ASP B 271 -4.36 3.04 8.09
C ASP B 271 -5.26 3.68 9.16
N ILE B 272 -6.40 3.07 9.41
CA ILE B 272 -7.31 3.56 10.44
C ILE B 272 -6.73 3.33 11.84
N TYR B 273 -6.25 2.10 12.07
CA TYR B 273 -5.58 1.79 13.33
C TYR B 273 -4.49 2.80 13.66
N GLY B 274 -3.62 3.06 12.69
CA GLY B 274 -2.49 3.97 12.96
C GLY B 274 -2.98 5.38 13.22
N ALA B 275 -4.02 5.81 12.49
CA ALA B 275 -4.63 7.12 12.73
C ALA B 275 -5.09 7.27 14.18
N VAL B 276 -5.96 6.36 14.61
CA VAL B 276 -6.41 6.30 16.01
C VAL B 276 -5.29 6.13 17.04
N HIS B 277 -4.35 5.20 16.81
CA HIS B 277 -3.14 5.18 17.62
C HIS B 277 -2.46 6.56 17.85
N ASP B 278 -2.16 7.26 16.77
CA ASP B 278 -1.49 8.56 16.86
C ASP B 278 -2.36 9.54 17.65
N LEU B 279 -3.66 9.56 17.38
CA LEU B 279 -4.53 10.45 18.16
C LEU B 279 -4.43 10.16 19.67
N ARG B 280 -4.44 8.88 20.03
CA ARG B 280 -4.43 8.46 21.41
C ARG B 280 -3.15 8.83 22.10
N LEU B 281 -2.05 8.88 21.34
CA LEU B 281 -0.81 9.30 21.98
C LEU B 281 -0.88 10.76 22.47
N HIS B 282 -1.80 11.52 21.88
CA HIS B 282 -1.88 12.97 22.15
C HIS B 282 -3.04 13.42 23.03
N ARG B 283 -4.08 12.61 23.12
CA ARG B 283 -5.19 12.93 24.04
C ARG B 283 -5.96 11.67 24.38
N VAL B 284 -6.44 11.63 25.62
CA VAL B 284 -7.15 10.46 26.16
C VAL B 284 -8.46 10.23 25.35
N HIS B 285 -8.83 8.97 25.16
CA HIS B 285 -10.17 8.60 24.70
C HIS B 285 -10.51 8.95 23.25
N MET B 286 -9.56 9.40 22.42
CA MET B 286 -9.90 9.80 21.05
C MET B 286 -10.49 8.62 20.29
N VAL B 287 -11.65 8.82 19.69
CA VAL B 287 -12.56 7.78 19.18
C VAL B 287 -13.03 6.95 20.37
N GLN B 288 -14.12 7.44 20.97
CA GLN B 288 -14.44 7.20 22.37
C GLN B 288 -15.26 5.92 22.52
N THR B 289 -15.96 5.52 21.45
CA THR B 289 -16.68 4.23 21.47
C THR B 289 -16.34 3.27 20.34
N GLU B 290 -16.63 2.00 20.58
CA GLU B 290 -16.38 1.00 19.55
C GLU B 290 -17.18 1.26 18.29
N CYS B 291 -18.43 1.69 18.41
CA CYS B 291 -19.27 2.00 17.27
C CYS B 291 -18.65 3.06 16.37
N GLN B 292 -17.92 3.99 16.99
CA GLN B 292 -17.22 5.03 16.24
C GLN B 292 -16.06 4.45 15.46
N TYR B 293 -15.33 3.51 16.07
CA TYR B 293 -14.25 2.80 15.38
C TYR B 293 -14.81 2.01 14.20
N VAL B 294 -15.88 1.27 14.44
CA VAL B 294 -16.58 0.62 13.33
C VAL B 294 -16.95 1.59 12.22
N TYR B 295 -17.58 2.71 12.58
CA TYR B 295 -18.04 3.70 11.60
C TYR B 295 -16.90 4.19 10.69
N LEU B 296 -15.71 4.39 11.24
CA LEU B 296 -14.56 4.75 10.40
C LEU B 296 -14.36 3.74 9.27
N HIS B 297 -14.49 2.47 9.63
CA HIS B 297 -14.34 1.39 8.65
C HIS B 297 -15.42 1.39 7.58
N GLN B 298 -16.66 1.63 8.01
CA GLN B 298 -17.81 1.77 7.13
C GLN B 298 -17.71 2.93 6.14
N CYS B 299 -17.13 4.05 6.59
CA CYS B 299 -16.96 5.20 5.72
C CYS B 299 -15.97 4.87 4.58
N VAL B 300 -14.87 4.22 4.91
CA VAL B 300 -13.84 3.88 3.92
C VAL B 300 -14.44 2.89 2.90
N ARG B 301 -15.10 1.87 3.41
CA ARG B 301 -15.80 0.87 2.59
C ARG B 301 -16.79 1.52 1.63
N ASP B 302 -17.61 2.43 2.15
CA ASP B 302 -18.57 3.16 1.35
C ASP B 302 -17.91 4.05 0.31
N VAL B 303 -16.85 4.75 0.70
CA VAL B 303 -16.09 5.52 -0.28
C VAL B 303 -15.55 4.63 -1.41
N LEU B 304 -14.98 3.49 -1.06
CA LEU B 304 -14.36 2.64 -2.08
C LEU B 304 -15.38 1.96 -3.00
N ARG B 305 -16.47 1.46 -2.44
CA ARG B 305 -17.59 0.94 -3.24
C ARG B 305 -18.04 1.99 -4.26
N ALA B 306 -18.56 3.10 -3.75
CA ALA B 306 -19.04 4.18 -4.61
C ALA B 306 -18.00 4.59 -5.67
N ARG B 307 -16.72 4.34 -5.38
CA ARG B 307 -15.62 4.86 -6.18
C ARG B 307 -15.36 4.06 -7.46
N LYS B 308 -15.55 2.75 -7.38
CA LYS B 308 -15.22 1.85 -8.49
C LYS B 308 -16.23 1.94 -9.62
N LEU B 309 -17.44 2.43 -9.29
CA LEU B 309 -18.53 2.55 -10.25
C LEU B 309 -18.31 3.65 -11.28
V VO4 C . 4.34 -13.87 -19.00
O1 VO4 C . 4.47 -12.79 -17.64
O2 VO4 C . 2.99 -15.00 -19.01
O3 VO4 C . 5.44 -13.62 -20.30
O4 VO4 C . 3.15 -12.52 -19.83
V VO4 D . -17.45 14.18 22.58
O1 VO4 D . -15.86 13.87 23.22
O2 VO4 D . -18.00 13.28 21.27
O3 VO4 D . -18.55 15.38 23.25
O4 VO4 D . -18.15 12.89 23.88
#